data_5XC5
#
_entry.id   5XC5
#
_cell.length_a   32.924
_cell.length_b   53.724
_cell.length_c   96.482
_cell.angle_alpha   90.00
_cell.angle_beta   90.00
_cell.angle_gamma   90.00
#
_symmetry.space_group_name_H-M   'P 21 21 21'
#
loop_
_entity.id
_entity.type
_entity.pdbx_description
1 polymer 'Probable Rab-related GTPase'
2 non-polymer "GUANOSINE-5'-TRIPHOSPHATE"
3 non-polymer 'MAGNESIUM ION'
4 non-polymer 'ACETATE ION'
5 water water
#
_entity_poly.entity_id   1
_entity_poly.type   'polypeptide(L)'
_entity_poly.pdbx_seq_one_letter_code
;MENNGYKIILIGSSGVGKSSIVHQFLFNRKISNVSPTIGAAFASKQVIAKNGKTLKLNIWDTAGLERFRSITKMYYTNSL
GCLVVFDVTDRESFDDVYYWINDLRINCHTTYYILVVANKIDIDKNNWRVSENEIKKFCRDNDCDYVFASSFESDTVNNL
FGKMIDKMSEIKINPD
;
_entity_poly.pdbx_strand_id   A
#
loop_
_chem_comp.id
_chem_comp.type
_chem_comp.name
_chem_comp.formula
ACT non-polymer 'ACETATE ION' 'C2 H3 O2 -1'
GTP non-polymer GUANOSINE-5'-TRIPHOSPHATE 'C10 H16 N5 O14 P3'
MG non-polymer 'MAGNESIUM ION' 'Mg 2'
#
# COMPACT_ATOMS: atom_id res chain seq x y z
N GLY A 5 -4.01 15.90 9.95
CA GLY A 5 -4.00 14.92 8.88
C GLY A 5 -3.80 13.48 9.34
N TYR A 6 -3.80 12.56 8.39
CA TYR A 6 -3.70 11.13 8.67
C TYR A 6 -2.51 10.56 7.93
N LYS A 7 -1.50 10.08 8.67
CA LYS A 7 -0.28 9.57 8.06
C LYS A 7 -0.52 8.17 7.49
N ILE A 8 -0.35 8.05 6.18
CA ILE A 8 -0.47 6.78 5.46
C ILE A 8 0.88 6.51 4.82
N ILE A 9 1.41 5.30 5.00
CA ILE A 9 2.63 4.91 4.30
C ILE A 9 2.35 3.73 3.36
N LEU A 10 3.08 3.69 2.25
CA LEU A 10 3.10 2.53 1.36
C LEU A 10 4.44 1.86 1.51
N ILE A 11 4.41 0.56 1.84
CA ILE A 11 5.61 -0.25 1.96
C ILE A 11 5.41 -1.54 1.17
N GLY A 12 6.52 -2.17 0.82
CA GLY A 12 6.49 -3.37 -0.01
C GLY A 12 7.76 -3.44 -0.83
N SER A 13 8.01 -4.63 -1.38
CA SER A 13 9.29 -4.87 -2.03
C SER A 13 9.39 -4.09 -3.34
N SER A 14 10.61 -4.01 -3.87
CA SER A 14 10.84 -3.15 -5.03
C SER A 14 10.11 -3.69 -6.25
N GLY A 15 9.51 -2.79 -7.01
CA GLY A 15 8.89 -3.14 -8.27
C GLY A 15 7.44 -3.54 -8.20
N VAL A 16 6.85 -3.56 -7.00
CA VAL A 16 5.47 -4.08 -6.86
C VAL A 16 4.42 -3.07 -7.32
N GLY A 17 4.79 -1.81 -7.50
CA GLY A 17 3.89 -0.79 -7.97
C GLY A 17 3.41 0.25 -6.94
N LYS A 18 4.12 0.40 -5.81
CA LYS A 18 3.72 1.40 -4.81
C LYS A 18 3.65 2.80 -5.42
N SER A 19 4.70 3.22 -6.12
CA SER A 19 4.72 4.58 -6.66
C SER A 19 3.68 4.75 -7.76
N SER A 20 3.48 3.72 -8.58
CA SER A 20 2.46 3.78 -9.62
C SER A 20 1.07 3.93 -9.02
N ILE A 21 0.79 3.21 -7.94
CA ILE A 21 -0.49 3.34 -7.24
C ILE A 21 -0.67 4.76 -6.71
N VAL A 22 0.36 5.31 -6.05
CA VAL A 22 0.21 6.65 -5.47
C VAL A 22 0.00 7.69 -6.55
N HIS A 23 0.76 7.60 -7.65
CA HIS A 23 0.60 8.57 -8.74
C HIS A 23 -0.80 8.48 -9.32
N GLN A 24 -1.34 7.27 -9.46
CA GLN A 24 -2.68 7.12 -9.98
C GLN A 24 -3.71 7.75 -9.05
N PHE A 25 -3.55 7.54 -7.74
CA PHE A 25 -4.44 8.15 -6.77
C PHE A 25 -4.38 9.67 -6.85
N LEU A 26 -3.19 10.23 -7.07
CA LEU A 26 -3.03 11.68 -7.13
C LEU A 26 -3.45 12.27 -8.47
N PHE A 27 -3.24 11.57 -9.59
CA PHE A 27 -3.41 12.16 -10.90
C PHE A 27 -4.31 11.31 -11.79
N ASN A 28 -5.11 11.98 -12.62
CA ASN A 28 -6.12 11.31 -13.42
C ASN A 28 -5.68 11.28 -14.88
N ARG A 29 -4.65 10.47 -15.14
CA ARG A 29 -4.08 10.29 -16.46
C ARG A 29 -3.31 8.99 -16.44
N LYS A 30 -2.80 8.61 -17.61
CA LYS A 30 -1.87 7.49 -17.68
C LYS A 30 -0.58 7.85 -16.95
N ILE A 31 -0.03 6.89 -16.21
CA ILE A 31 1.17 7.12 -15.40
C ILE A 31 2.41 6.81 -16.24
N SER A 32 3.46 7.62 -16.09
CA SER A 32 4.61 7.51 -16.99
C SER A 32 5.95 7.94 -16.39
N ASN A 33 5.93 8.71 -15.31
CA ASN A 33 7.16 9.27 -14.73
C ASN A 33 7.51 8.53 -13.44
N VAL A 34 7.90 7.27 -13.56
CA VAL A 34 8.18 6.43 -12.39
C VAL A 34 9.56 5.79 -12.52
N SER A 35 10.37 5.95 -11.48
CA SER A 35 11.68 5.33 -11.31
C SER A 35 11.76 4.82 -9.88
N PRO A 36 12.70 3.91 -9.57
CA PRO A 36 12.74 3.34 -8.23
C PRO A 36 12.88 4.40 -7.15
N THR A 37 12.14 4.21 -6.07
CA THR A 37 12.12 5.16 -4.98
C THR A 37 13.32 4.93 -4.07
N ILE A 38 13.94 6.02 -3.64
CA ILE A 38 15.06 5.95 -2.69
C ILE A 38 14.60 6.61 -1.40
N GLY A 39 14.87 7.90 -1.24
CA GLY A 39 14.24 8.62 -0.13
C GLY A 39 12.73 8.60 -0.28
N ALA A 40 12.04 8.53 0.86
CA ALA A 40 10.58 8.49 0.80
C ALA A 40 10.06 9.81 0.24
N ALA A 41 8.98 9.72 -0.54
CA ALA A 41 8.42 10.87 -1.22
C ALA A 41 7.03 11.16 -0.65
N PHE A 42 6.74 12.43 -0.43
CA PHE A 42 5.53 12.85 0.24
C PHE A 42 4.53 13.48 -0.72
N ALA A 43 3.25 13.25 -0.45
CA ALA A 43 2.18 13.98 -1.12
C ALA A 43 0.98 13.99 -0.18
N SER A 44 0.14 15.01 -0.32
CA SER A 44 -1.07 15.12 0.47
C SER A 44 -2.29 15.24 -0.43
N LYS A 45 -3.40 14.67 0.02
CA LYS A 45 -4.67 14.84 -0.70
C LYS A 45 -5.81 14.87 0.30
N GLN A 46 -6.71 15.85 0.13
CA GLN A 46 -7.89 15.96 0.98
C GLN A 46 -9.07 15.33 0.26
N VAL A 47 -9.80 14.50 1.00
CA VAL A 47 -10.86 13.66 0.43
C VAL A 47 -12.09 13.76 1.32
N ILE A 48 -13.25 13.51 0.72
CA ILE A 48 -14.50 13.45 1.47
C ILE A 48 -14.78 12.01 1.84
N ALA A 49 -14.86 11.73 3.13
CA ALA A 49 -15.18 10.38 3.57
C ALA A 49 -16.69 10.16 3.59
N LYS A 50 -17.08 8.90 3.76
CA LYS A 50 -18.49 8.55 3.70
C LYS A 50 -19.30 9.20 4.81
N ASN A 51 -18.69 9.43 5.98
CA ASN A 51 -19.41 10.13 7.03
C ASN A 51 -19.47 11.64 6.82
N GLY A 52 -19.02 12.13 5.67
CA GLY A 52 -19.09 13.53 5.35
C GLY A 52 -17.92 14.37 5.81
N LYS A 53 -17.03 13.83 6.64
CA LYS A 53 -15.87 14.59 7.06
C LYS A 53 -14.83 14.66 5.95
N THR A 54 -14.12 15.77 5.90
CA THR A 54 -12.96 15.90 5.03
C THR A 54 -11.74 15.43 5.79
N LEU A 55 -10.98 14.53 5.18
CA LEU A 55 -9.77 13.96 5.76
C LEU A 55 -8.59 14.33 4.88
N LYS A 56 -7.52 14.79 5.50
CA LYS A 56 -6.27 15.03 4.81
C LYS A 56 -5.40 13.79 4.94
N LEU A 57 -5.11 13.15 3.81
CA LEU A 57 -4.20 12.02 3.77
C LEU A 57 -2.79 12.58 3.57
N ASN A 58 -1.89 12.25 4.50
CA ASN A 58 -0.47 12.61 4.42
C ASN A 58 0.27 11.32 4.07
N ILE A 59 0.69 11.20 2.81
CA ILE A 59 1.10 9.93 2.22
C ILE A 59 2.61 9.95 1.99
N TRP A 60 3.28 8.89 2.47
CA TRP A 60 4.71 8.68 2.24
C TRP A 60 4.86 7.42 1.40
N ASP A 61 5.49 7.56 0.24
CA ASP A 61 5.79 6.47 -0.67
C ASP A 61 7.25 6.09 -0.45
N THR A 62 7.49 4.86 0.00
CA THR A 62 8.82 4.47 0.48
C THR A 62 9.51 3.51 -0.48
N ALA A 63 10.82 3.33 -0.24
CA ALA A 63 11.64 2.44 -1.06
C ALA A 63 11.43 0.98 -0.69
N GLY A 64 11.32 0.14 -1.73
CA GLY A 64 11.31 -1.30 -1.55
C GLY A 64 12.66 -1.97 -1.78
N LEU A 65 13.61 -1.29 -2.39
CA LEU A 65 14.93 -1.88 -2.63
C LEU A 65 15.60 -2.21 -1.30
N GLU A 66 16.21 -3.39 -1.24
CA GLU A 66 16.70 -3.89 0.03
C GLU A 66 17.75 -2.97 0.62
N ARG A 67 18.61 -2.39 -0.23
CA ARG A 67 19.70 -1.57 0.31
C ARG A 67 19.20 -0.25 0.91
N PHE A 68 17.96 0.13 0.63
CA PHE A 68 17.37 1.36 1.14
C PHE A 68 16.37 1.11 2.28
N ARG A 69 16.37 -0.11 2.84
CA ARG A 69 15.44 -0.38 3.94
C ARG A 69 15.72 0.51 5.13
N SER A 70 16.99 0.89 5.35
CA SER A 70 17.27 1.73 6.52
C SER A 70 16.76 3.14 6.35
N ILE A 71 16.38 3.55 5.14
CA ILE A 71 15.63 4.79 4.94
C ILE A 71 14.15 4.56 5.26
N THR A 72 13.58 3.52 4.64
CA THR A 72 12.15 3.26 4.79
C THR A 72 11.75 3.07 6.24
N LYS A 73 12.63 2.44 7.03
CA LYS A 73 12.36 2.19 8.44
C LYS A 73 12.08 3.49 9.19
N MET A 74 12.69 4.59 8.77
CA MET A 74 12.53 5.87 9.49
C MET A 74 11.17 6.50 9.28
N TYR A 75 10.32 5.91 8.44
CA TYR A 75 9.00 6.45 8.15
C TYR A 75 7.88 5.65 8.79
N TYR A 76 8.19 4.58 9.51
CA TYR A 76 7.16 3.76 10.15
C TYR A 76 6.44 4.51 11.25
N THR A 77 7.19 5.27 12.06
CA THR A 77 6.64 5.77 13.31
C THR A 77 5.47 6.73 13.06
N ASN A 78 4.47 6.66 13.93
CA ASN A 78 3.29 7.51 13.90
C ASN A 78 2.38 7.27 12.70
N SER A 79 2.55 6.17 11.98
CA SER A 79 1.66 5.86 10.88
C SER A 79 0.30 5.48 11.43
N LEU A 80 -0.77 6.02 10.83
CA LEU A 80 -2.12 5.61 11.18
C LEU A 80 -2.67 4.56 10.23
N GLY A 81 -2.28 4.59 8.96
CA GLY A 81 -2.67 3.57 8.02
C GLY A 81 -1.46 3.14 7.21
N CYS A 82 -1.51 1.91 6.74
CA CYS A 82 -0.41 1.38 5.94
C CYS A 82 -0.97 0.52 4.82
N LEU A 83 -0.49 0.78 3.60
CA LEU A 83 -0.72 -0.10 2.47
C LEU A 83 0.55 -0.94 2.29
N VAL A 84 0.40 -2.27 2.35
CA VAL A 84 1.51 -3.18 2.11
C VAL A 84 1.28 -3.84 0.75
N VAL A 85 2.09 -3.47 -0.24
CA VAL A 85 1.84 -3.84 -1.63
C VAL A 85 2.74 -5.00 -2.03
N PHE A 86 2.18 -5.92 -2.81
CA PHE A 86 2.98 -6.96 -3.47
C PHE A 86 2.46 -7.17 -4.89
N ASP A 87 3.22 -7.93 -5.66
CA ASP A 87 2.95 -8.20 -7.08
C ASP A 87 2.49 -9.65 -7.16
N VAL A 88 1.30 -9.88 -7.72
CA VAL A 88 0.72 -11.23 -7.74
C VAL A 88 1.56 -12.23 -8.52
N THR A 89 2.44 -11.76 -9.42
CA THR A 89 3.34 -12.67 -10.15
C THR A 89 4.68 -12.85 -9.46
N ASP A 90 4.97 -12.09 -8.43
CA ASP A 90 6.28 -12.05 -7.78
C ASP A 90 6.12 -12.74 -6.44
N ARG A 91 6.45 -14.04 -6.41
CA ARG A 91 6.23 -14.84 -5.20
C ARG A 91 7.01 -14.31 -4.01
N GLU A 92 8.28 -13.94 -4.24
CA GLU A 92 9.07 -13.39 -3.14
C GLU A 92 8.44 -12.12 -2.58
N SER A 93 7.85 -11.29 -3.45
CA SER A 93 7.22 -10.07 -2.95
C SER A 93 6.05 -10.38 -2.03
N PHE A 94 5.32 -11.47 -2.32
CA PHE A 94 4.26 -11.90 -1.41
C PHE A 94 4.84 -12.45 -0.11
N ASP A 95 5.85 -13.32 -0.19
CA ASP A 95 6.45 -13.82 1.03
C ASP A 95 7.00 -12.68 1.89
N ASP A 96 7.48 -11.61 1.25
CA ASP A 96 8.01 -10.44 1.96
C ASP A 96 6.94 -9.70 2.76
N VAL A 97 5.65 -9.83 2.41
CA VAL A 97 4.59 -9.08 3.10
C VAL A 97 4.62 -9.37 4.59
N TYR A 98 4.82 -10.64 4.98
CA TYR A 98 4.88 -10.95 6.41
C TYR A 98 5.92 -10.10 7.11
N TYR A 99 7.10 -9.96 6.51
CA TYR A 99 8.19 -9.27 7.18
C TYR A 99 8.02 -7.77 7.15
N TRP A 100 7.38 -7.23 6.12
CA TRP A 100 7.04 -5.81 6.12
C TRP A 100 6.11 -5.47 7.27
N ILE A 101 5.06 -6.29 7.46
CA ILE A 101 4.11 -6.04 8.54
C ILE A 101 4.78 -6.24 9.89
N ASN A 102 5.59 -7.28 10.02
CA ASN A 102 6.31 -7.54 11.26
C ASN A 102 7.21 -6.35 11.62
N ASP A 103 7.94 -5.83 10.64
CA ASP A 103 8.86 -4.72 10.89
C ASP A 103 8.10 -3.44 11.24
N LEU A 104 7.02 -3.15 10.52
CA LEU A 104 6.20 -2.00 10.87
C LEU A 104 5.75 -2.10 12.33
N ARG A 105 5.31 -3.28 12.76
CA ARG A 105 4.75 -3.40 14.10
C ARG A 105 5.82 -3.31 15.19
N ILE A 106 7.04 -3.75 14.90
CA ILE A 106 8.15 -3.55 15.84
C ILE A 106 8.39 -2.07 16.08
N ASN A 107 8.23 -1.26 15.05
CA ASN A 107 8.63 0.14 15.10
C ASN A 107 7.48 1.10 15.32
N CYS A 108 6.24 0.64 15.25
CA CYS A 108 5.09 1.52 15.29
C CYS A 108 3.96 0.81 16.00
N HIS A 109 3.39 1.47 17.00
CA HIS A 109 2.25 0.94 17.72
C HIS A 109 0.95 1.68 17.39
N THR A 110 1.00 2.66 16.50
CA THR A 110 -0.12 3.57 16.25
C THR A 110 -0.98 3.19 15.04
N THR A 111 -0.59 2.19 14.27
CA THR A 111 -1.33 1.90 13.05
C THR A 111 -2.71 1.36 13.42
N TYR A 112 -3.73 1.91 12.77
CA TYR A 112 -5.10 1.47 12.98
C TYR A 112 -5.58 0.48 11.93
N TYR A 113 -5.03 0.54 10.73
CA TYR A 113 -5.51 -0.27 9.62
C TYR A 113 -4.34 -0.57 8.71
N ILE A 114 -4.08 -1.85 8.49
CA ILE A 114 -3.09 -2.33 7.55
C ILE A 114 -3.85 -3.03 6.43
N LEU A 115 -3.64 -2.57 5.19
CA LEU A 115 -4.32 -3.11 4.02
C LEU A 115 -3.27 -3.67 3.07
N VAL A 116 -3.32 -4.99 2.84
CA VAL A 116 -2.43 -5.65 1.88
C VAL A 116 -3.02 -5.49 0.50
N VAL A 117 -2.21 -4.99 -0.44
CA VAL A 117 -2.66 -4.73 -1.81
C VAL A 117 -2.01 -5.77 -2.71
N ALA A 118 -2.83 -6.65 -3.28
CA ALA A 118 -2.38 -7.61 -4.27
C ALA A 118 -2.45 -6.89 -5.62
N ASN A 119 -1.30 -6.43 -6.11
CA ASN A 119 -1.23 -5.55 -7.26
C ASN A 119 -0.84 -6.33 -8.52
N LYS A 120 -1.05 -5.66 -9.65
CA LYS A 120 -0.77 -6.16 -11.00
C LYS A 120 -1.76 -7.22 -11.47
N ILE A 121 -3.01 -7.13 -10.98
CA ILE A 121 -4.03 -8.10 -11.35
C ILE A 121 -4.35 -8.10 -12.85
N ASP A 122 -3.93 -7.07 -13.58
CA ASP A 122 -4.11 -7.04 -15.02
C ASP A 122 -3.35 -8.16 -15.71
N ILE A 123 -2.27 -8.65 -15.10
CA ILE A 123 -1.49 -9.72 -15.70
C ILE A 123 -2.34 -10.98 -15.77
N ASP A 124 -2.18 -11.73 -16.86
CA ASP A 124 -2.90 -12.97 -17.08
C ASP A 124 -2.90 -13.83 -15.82
N LYS A 125 -4.07 -14.33 -15.46
CA LYS A 125 -4.24 -15.10 -14.23
C LYS A 125 -3.33 -16.31 -14.17
N ASN A 126 -3.04 -16.95 -15.32
CA ASN A 126 -2.20 -18.13 -15.23
C ASN A 126 -0.73 -17.80 -14.96
N ASN A 127 -0.36 -16.53 -14.95
CA ASN A 127 0.98 -16.12 -14.55
C ASN A 127 1.05 -15.67 -13.10
N TRP A 128 -0.06 -15.59 -12.37
CA TRP A 128 0.04 -15.28 -10.96
C TRP A 128 0.74 -16.42 -10.25
N ARG A 129 1.52 -16.07 -9.22
CA ARG A 129 2.24 -17.06 -8.43
C ARG A 129 1.72 -17.14 -7.00
N VAL A 130 0.58 -16.51 -6.73
CA VAL A 130 -0.10 -16.64 -5.44
C VAL A 130 -1.59 -16.71 -5.71
N SER A 131 -2.29 -17.50 -4.91
CA SER A 131 -3.72 -17.69 -5.07
C SER A 131 -4.50 -16.73 -4.18
N GLU A 132 -5.73 -16.47 -4.59
CA GLU A 132 -6.64 -15.67 -3.76
C GLU A 132 -6.80 -16.30 -2.38
N ASN A 133 -6.89 -17.63 -2.32
CA ASN A 133 -7.08 -18.28 -1.02
C ASN A 133 -5.88 -18.09 -0.11
N GLU A 134 -4.65 -18.13 -0.67
CA GLU A 134 -3.46 -17.90 0.15
C GLU A 134 -3.45 -16.48 0.70
N ILE A 135 -3.84 -15.51 -0.13
CA ILE A 135 -3.88 -14.12 0.30
C ILE A 135 -4.89 -13.93 1.43
N LYS A 136 -6.10 -14.46 1.24
CA LYS A 136 -7.12 -14.33 2.28
C LYS A 136 -6.69 -15.01 3.57
N LYS A 137 -6.11 -16.20 3.46
CA LYS A 137 -5.66 -16.91 4.66
C LYS A 137 -4.54 -16.14 5.38
N PHE A 138 -3.57 -15.62 4.62
CA PHE A 138 -2.54 -14.82 5.25
C PHE A 138 -3.13 -13.66 6.05
N CYS A 139 -4.07 -12.93 5.45
CA CYS A 139 -4.61 -11.77 6.13
C CYS A 139 -5.45 -12.16 7.33
N ARG A 140 -6.16 -13.30 7.24
CA ARG A 140 -6.95 -13.78 8.37
C ARG A 140 -6.06 -14.02 9.58
N ASP A 141 -4.79 -14.35 9.37
CA ASP A 141 -3.86 -14.71 10.43
C ASP A 141 -3.04 -13.54 10.94
N ASN A 142 -3.07 -12.38 10.28
CA ASN A 142 -2.12 -11.31 10.58
C ASN A 142 -2.81 -9.98 10.86
N ASP A 143 -4.08 -10.00 11.24
CA ASP A 143 -4.79 -8.80 11.69
C ASP A 143 -4.70 -7.67 10.66
N CYS A 144 -5.03 -8.00 9.41
CA CYS A 144 -4.97 -7.04 8.33
C CYS A 144 -6.02 -7.42 7.29
N ASP A 145 -6.29 -6.48 6.40
CA ASP A 145 -7.27 -6.63 5.33
C ASP A 145 -6.53 -6.78 4.01
N TYR A 146 -7.27 -7.08 2.95
CA TYR A 146 -6.69 -7.28 1.62
C TYR A 146 -7.59 -6.65 0.56
N VAL A 147 -6.98 -6.38 -0.60
CA VAL A 147 -7.68 -5.81 -1.74
C VAL A 147 -6.86 -6.15 -2.97
N PHE A 148 -7.52 -6.21 -4.12
CA PHE A 148 -6.85 -6.49 -5.39
C PHE A 148 -6.85 -5.26 -6.28
N ALA A 149 -5.73 -4.99 -6.93
CA ALA A 149 -5.62 -3.76 -7.71
C ALA A 149 -4.69 -3.92 -8.91
N SER A 150 -4.80 -2.94 -9.82
CA SER A 150 -3.82 -2.68 -10.85
C SER A 150 -3.59 -1.18 -10.88
N SER A 151 -2.32 -0.76 -10.84
CA SER A 151 -1.98 0.66 -10.87
C SER A 151 -2.57 1.35 -12.07
N PHE A 152 -2.74 0.63 -13.18
CA PHE A 152 -3.20 1.20 -14.44
C PHE A 152 -4.71 1.31 -14.52
N GLU A 153 -5.44 0.79 -13.53
CA GLU A 153 -6.88 0.85 -13.50
C GLU A 153 -7.30 1.73 -12.32
N SER A 154 -7.66 2.98 -12.61
CA SER A 154 -7.98 3.93 -11.55
C SER A 154 -9.13 3.45 -10.68
N ASP A 155 -10.07 2.66 -11.22
CA ASP A 155 -11.17 2.19 -10.38
C ASP A 155 -10.66 1.34 -9.22
N THR A 156 -9.59 0.57 -9.44
CA THR A 156 -9.07 -0.24 -8.35
C THR A 156 -8.28 0.59 -7.35
N VAL A 157 -7.65 1.67 -7.80
CA VAL A 157 -6.91 2.54 -6.89
C VAL A 157 -7.85 3.39 -6.06
N ASN A 158 -8.91 3.91 -6.69
CA ASN A 158 -9.94 4.60 -5.94
C ASN A 158 -10.54 3.70 -4.87
N ASN A 159 -10.75 2.43 -5.21
CA ASN A 159 -11.35 1.50 -4.27
C ASN A 159 -10.42 1.24 -3.08
N LEU A 160 -9.14 0.99 -3.35
CA LEU A 160 -8.24 0.65 -2.24
C LEU A 160 -8.01 1.85 -1.33
N PHE A 161 -7.88 3.06 -1.90
CA PHE A 161 -7.81 4.22 -1.03
C PHE A 161 -9.12 4.48 -0.32
N GLY A 162 -10.25 4.15 -0.95
CA GLY A 162 -11.52 4.32 -0.26
C GLY A 162 -11.63 3.48 1.00
N LYS A 163 -11.14 2.24 0.93
CA LYS A 163 -11.13 1.38 2.13
C LYS A 163 -10.28 2.03 3.22
N MET A 164 -9.12 2.56 2.85
CA MET A 164 -8.24 3.21 3.82
C MET A 164 -8.89 4.45 4.40
N ILE A 165 -9.55 5.25 3.55
CA ILE A 165 -10.19 6.49 3.99
C ILE A 165 -11.30 6.17 4.99
N ASP A 166 -12.15 5.19 4.67
CA ASP A 166 -13.22 4.81 5.58
C ASP A 166 -12.68 4.45 6.96
N LYS A 167 -11.60 3.67 7.01
CA LYS A 167 -11.03 3.28 8.28
C LYS A 167 -10.44 4.47 9.02
N MET A 168 -9.73 5.36 8.31
CA MET A 168 -9.22 6.56 8.97
C MET A 168 -10.33 7.40 9.57
N SER A 169 -11.50 7.42 8.91
CA SER A 169 -12.60 8.25 9.40
C SER A 169 -13.18 7.72 10.71
N GLU A 170 -12.90 6.46 11.07
CA GLU A 170 -13.36 5.87 12.32
C GLU A 170 -12.50 6.24 13.52
N ILE A 171 -11.30 6.78 13.30
CA ILE A 171 -10.41 7.12 14.38
C ILE A 171 -10.97 8.27 15.22
PG GTP B . 10.29 0.74 -5.65
O1G GTP B . 10.15 2.25 -5.55
O2G GTP B . 11.57 0.33 -6.31
O3G GTP B . 10.10 0.06 -4.31
O3B GTP B . 9.15 0.14 -6.66
PB GTP B . 7.57 0.48 -6.68
O1B GTP B . 7.32 1.95 -6.36
O2B GTP B . 6.82 -0.48 -5.79
O3A GTP B . 7.09 0.08 -8.16
PA GTP B . 6.84 1.11 -9.40
O1A GTP B . 5.55 1.92 -9.17
O2A GTP B . 8.13 1.93 -9.67
O5' GTP B . 6.54 0.06 -10.60
C5' GTP B . 7.51 -0.86 -11.04
C4' GTP B . 7.17 -1.32 -12.45
O4' GTP B . 5.97 -2.07 -12.38
C3' GTP B . 6.93 -0.19 -13.42
O3' GTP B . 7.46 -0.53 -14.70
C2' GTP B . 5.42 -0.12 -13.52
O2' GTP B . 4.97 0.39 -14.76
C1' GTP B . 5.02 -1.56 -13.30
N9 GTP B . 3.68 -1.61 -12.70
C8 GTP B . 3.19 -0.88 -11.66
N7 GTP B . 1.92 -1.24 -11.41
C5 GTP B . 1.57 -2.19 -12.31
C6 GTP B . 0.40 -2.91 -12.53
O6 GTP B . -0.63 -2.77 -11.86
N1 GTP B . 0.41 -3.82 -13.56
C2 GTP B . 1.52 -4.05 -14.35
N2 GTP B . 1.44 -4.94 -15.32
N3 GTP B . 2.69 -3.35 -14.14
C4 GTP B . 2.68 -2.44 -13.13
MG MG C . 8.55 3.47 -5.83
C ACT D . 18.69 -3.71 -3.89
O ACT D . 19.03 -2.78 -3.14
OXT ACT D . 19.17 -3.74 -5.03
CH3 ACT D . 17.76 -4.77 -3.46
C ACT E . -10.24 -13.91 15.69
O ACT E . -9.64 -13.33 14.77
OXT ACT E . -10.92 -14.91 15.40
CH3 ACT E . -10.15 -13.42 17.08
C ACT F . 2.97 10.13 -13.47
O ACT F . 2.34 10.58 -12.48
OXT ACT F . 3.96 9.41 -13.20
CH3 ACT F . 2.57 10.43 -14.87
#